data_7JOF
#
_entry.id   7JOF
#
_cell.length_a   45.520
_cell.length_b   54.780
_cell.length_c   57.340
_cell.angle_alpha   116.800
_cell.angle_beta   103.470
_cell.angle_gamma   92.920
#
_symmetry.space_group_name_H-M   'P 1'
#
loop_
_entity.id
_entity.type
_entity.pdbx_description
1 polymer 'Isoform 6 of Dysferlin'
2 non-polymer 'CALCIUM ION'
3 water water
#
_entity_poly.entity_id   1
_entity_poly.type   'polypeptide(L)'
_entity_poly.pdbx_seq_one_letter_code
;SGGGGGMLRVFILYAENVHTPDTDISDAYCSAVFAGVKKRTKVIKNSVNPVWNEGFEWDLKGIPLDQGSELHVVVKDHET
MGRNRFLGEAKVPLREVLATPSLSASFNAPLLDTKKQPTGASLVLQVSYTPLPGAVL
;
_entity_poly.pdbx_strand_id   A,B,C,D
#
loop_
_chem_comp.id
_chem_comp.type
_chem_comp.name
_chem_comp.formula
CA non-polymer 'CALCIUM ION' 'Ca 2'
#
# COMPACT_ATOMS: atom_id res chain seq x y z
N GLY A 5 9.05 10.16 -7.71
CA GLY A 5 10.02 10.82 -8.60
C GLY A 5 10.01 10.20 -9.99
N GLY A 6 8.94 10.40 -10.75
CA GLY A 6 8.86 9.75 -12.07
C GLY A 6 7.75 8.71 -12.06
N MET A 7 7.09 8.43 -13.18
CA MET A 7 5.96 7.49 -13.09
C MET A 7 5.75 6.61 -14.34
N LEU A 8 5.27 5.40 -14.15
CA LEU A 8 4.84 4.57 -15.29
C LEU A 8 3.32 4.37 -15.15
N ARG A 9 2.57 4.92 -16.11
CA ARG A 9 1.09 4.84 -16.12
C ARG A 9 0.68 3.79 -17.17
N VAL A 10 0.14 2.66 -16.70
CA VAL A 10 -0.26 1.57 -17.63
C VAL A 10 -1.79 1.46 -17.57
N PHE A 11 -2.47 1.66 -18.70
CA PHE A 11 -3.95 1.50 -18.79
C PHE A 11 -4.22 0.14 -19.46
N ILE A 12 -4.80 -0.80 -18.70
CA ILE A 12 -5.16 -2.13 -19.28
C ILE A 12 -6.57 -1.97 -19.82
N LEU A 13 -6.72 -1.98 -21.14
CA LEU A 13 -8.07 -1.72 -21.73
C LEU A 13 -8.91 -2.98 -21.83
N TYR A 14 -8.48 -3.93 -22.66
CA TYR A 14 -9.28 -5.16 -22.87
C TYR A 14 -8.43 -6.31 -23.43
N ALA A 15 -9.10 -7.43 -23.55
CA ALA A 15 -8.58 -8.69 -24.10
C ALA A 15 -9.62 -9.27 -25.06
N GLU A 16 -9.18 -10.08 -26.02
CA GLU A 16 -10.11 -10.71 -27.00
C GLU A 16 -9.76 -12.20 -27.14
N ASN A 17 -10.79 -13.04 -27.26
CA ASN A 17 -10.61 -14.51 -27.45
C ASN A 17 -9.91 -15.12 -26.23
N VAL A 18 -10.33 -14.73 -25.03
CA VAL A 18 -9.76 -15.28 -23.76
C VAL A 18 -10.58 -16.54 -23.44
N HIS A 19 -9.98 -17.71 -23.65
CA HIS A 19 -10.67 -19.01 -23.43
C HIS A 19 -10.01 -19.82 -22.32
N THR A 20 -10.84 -20.32 -21.42
CA THR A 20 -10.36 -21.18 -20.31
C THR A 20 -10.10 -22.60 -20.82
N PRO A 21 -9.55 -23.40 -19.92
CA PRO A 21 -9.30 -24.80 -20.28
C PRO A 21 -10.51 -25.75 -20.25
N ASP A 22 -11.75 -25.27 -20.15
CA ASP A 22 -12.92 -26.20 -20.13
C ASP A 22 -14.21 -25.45 -20.49
N THR A 23 -15.35 -25.91 -19.98
CA THR A 23 -16.70 -25.34 -20.28
C THR A 23 -16.93 -23.99 -19.57
N ASP A 24 -16.12 -23.68 -18.56
CA ASP A 24 -16.23 -22.41 -17.79
C ASP A 24 -15.94 -21.23 -18.71
N ILE A 25 -16.71 -20.15 -18.58
CA ILE A 25 -16.53 -18.92 -19.41
C ILE A 25 -15.50 -18.09 -18.65
N SER A 26 -14.37 -17.76 -19.28
CA SER A 26 -13.26 -16.97 -18.67
C SER A 26 -13.70 -15.92 -17.62
N ASP A 27 -13.09 -15.99 -16.47
CA ASP A 27 -13.24 -14.98 -15.38
C ASP A 27 -11.87 -14.32 -15.33
N ALA A 28 -11.66 -13.50 -16.35
CA ALA A 28 -10.32 -12.98 -16.61
C ALA A 28 -9.96 -11.74 -15.82
N TYR A 29 -8.71 -11.75 -15.38
CA TYR A 29 -8.00 -10.62 -14.74
C TYR A 29 -6.54 -10.66 -15.21
N CYS A 30 -5.89 -9.51 -15.14
CA CYS A 30 -4.48 -9.38 -15.54
C CYS A 30 -3.63 -9.07 -14.30
N SER A 31 -2.47 -9.67 -14.19
CA SER A 31 -1.50 -9.37 -13.11
C SER A 31 -0.28 -8.82 -13.83
N ALA A 32 0.04 -7.53 -13.65
CA ALA A 32 1.15 -6.87 -14.37
C ALA A 32 2.28 -6.54 -13.41
N VAL A 33 3.52 -6.89 -13.76
CA VAL A 33 4.68 -6.62 -12.86
C VAL A 33 5.74 -5.77 -13.58
N PHE A 34 6.01 -4.57 -13.05
CA PHE A 34 7.07 -3.67 -13.57
C PHE A 34 8.08 -3.43 -12.46
N ALA A 35 9.36 -3.67 -12.77
CA ALA A 35 10.47 -3.44 -11.83
C ALA A 35 10.19 -4.17 -10.51
N GLY A 36 9.64 -5.39 -10.59
CA GLY A 36 9.38 -6.22 -9.39
C GLY A 36 8.16 -5.78 -8.59
N VAL A 37 7.41 -4.79 -9.07
CA VAL A 37 6.19 -4.35 -8.32
C VAL A 37 4.96 -4.85 -9.09
N LYS A 38 4.14 -5.65 -8.42
CA LYS A 38 2.97 -6.30 -9.06
C LYS A 38 1.65 -5.57 -8.78
N LYS A 39 0.86 -5.39 -9.85
CA LYS A 39 -0.48 -4.75 -9.80
C LYS A 39 -1.45 -5.66 -10.55
N ARG A 40 -2.65 -5.88 -10.00
CA ARG A 40 -3.63 -6.78 -10.66
C ARG A 40 -4.98 -6.08 -10.84
N THR A 41 -5.64 -6.35 -11.97
CA THR A 41 -6.96 -5.77 -12.28
C THR A 41 -8.09 -6.49 -11.54
N LYS A 42 -9.33 -5.98 -11.69
CA LYS A 42 -10.50 -6.72 -11.16
C LYS A 42 -10.81 -7.90 -12.11
N VAL A 43 -11.63 -8.83 -11.67
CA VAL A 43 -12.08 -10.01 -12.43
C VAL A 43 -13.33 -9.65 -13.24
N ILE A 44 -13.29 -9.86 -14.55
CA ILE A 44 -14.54 -9.68 -15.35
C ILE A 44 -15.23 -11.05 -15.36
N LYS A 45 -16.32 -11.19 -14.65
CA LYS A 45 -17.02 -12.51 -14.60
C LYS A 45 -17.59 -12.90 -15.97
N ASN A 46 -17.39 -14.15 -16.36
CA ASN A 46 -18.07 -14.75 -17.55
C ASN A 46 -17.91 -13.93 -18.84
N SER A 47 -16.70 -13.70 -19.28
CA SER A 47 -16.47 -13.04 -20.57
C SER A 47 -15.19 -13.52 -21.25
N VAL A 48 -15.36 -13.98 -22.51
CA VAL A 48 -14.30 -14.48 -23.42
C VAL A 48 -13.57 -13.28 -24.05
N ASN A 49 -14.16 -12.09 -23.90
CA ASN A 49 -13.62 -10.80 -24.41
C ASN A 49 -13.81 -9.76 -23.30
N PRO A 50 -12.95 -9.76 -22.25
CA PRO A 50 -13.04 -8.90 -21.08
C PRO A 50 -12.63 -7.45 -21.35
N VAL A 51 -13.37 -6.54 -20.74
CA VAL A 51 -13.02 -5.09 -20.81
C VAL A 51 -12.76 -4.62 -19.38
N TRP A 52 -11.50 -4.27 -19.10
CA TRP A 52 -11.15 -3.80 -17.73
C TRP A 52 -11.17 -2.27 -17.68
N ASN A 53 -10.48 -1.62 -18.63
CA ASN A 53 -10.36 -0.14 -18.62
C ASN A 53 -9.82 0.29 -17.26
N GLU A 54 -8.77 -0.38 -16.78
CA GLU A 54 -8.17 -0.09 -15.46
C GLU A 54 -6.80 0.56 -15.63
N GLY A 55 -6.62 1.73 -15.00
CA GLY A 55 -5.38 2.50 -15.04
C GLY A 55 -4.51 2.25 -13.82
N PHE A 56 -3.21 2.14 -14.02
CA PHE A 56 -2.30 1.89 -12.87
C PHE A 56 -1.10 2.82 -12.93
N GLU A 57 -0.53 3.04 -11.75
CA GLU A 57 0.60 3.97 -11.55
C GLU A 57 1.69 3.34 -10.69
N TRP A 58 2.82 3.11 -11.33
CA TRP A 58 4.03 2.55 -10.73
C TRP A 58 4.86 3.74 -10.29
N ASP A 59 4.94 3.97 -8.99
CA ASP A 59 5.76 5.10 -8.53
C ASP A 59 7.19 4.72 -8.86
N LEU A 60 7.84 5.46 -9.76
CA LEU A 60 9.26 5.22 -10.04
C LEU A 60 9.97 5.98 -8.92
N LYS A 61 10.47 5.25 -7.93
CA LYS A 61 11.09 5.88 -6.74
C LYS A 61 12.44 6.55 -7.05
N GLY A 62 12.51 7.35 -8.11
CA GLY A 62 13.72 8.11 -8.45
C GLY A 62 14.63 7.41 -9.42
N ILE A 63 14.18 6.29 -9.97
CA ILE A 63 15.03 5.50 -10.91
C ILE A 63 14.65 5.80 -12.37
N SER A 69 14.07 -2.52 -20.80
CA SER A 69 12.94 -2.72 -19.84
C SER A 69 11.67 -3.23 -20.52
N GLU A 70 11.03 -4.16 -19.81
CA GLU A 70 9.80 -4.86 -20.25
C GLU A 70 8.73 -4.81 -19.14
N LEU A 71 7.48 -4.77 -19.54
CA LEU A 71 6.32 -4.91 -18.63
C LEU A 71 5.83 -6.34 -18.85
N HIS A 72 5.74 -7.12 -17.80
CA HIS A 72 5.30 -8.54 -17.88
C HIS A 72 3.84 -8.61 -17.42
N VAL A 73 2.94 -8.95 -18.33
CA VAL A 73 1.49 -9.06 -17.99
C VAL A 73 1.06 -10.52 -18.10
N VAL A 74 0.41 -11.03 -17.06
CA VAL A 74 -0.11 -12.42 -17.01
C VAL A 74 -1.63 -12.33 -16.92
N VAL A 75 -2.33 -13.03 -17.80
CA VAL A 75 -3.81 -13.12 -17.75
C VAL A 75 -4.18 -14.44 -17.08
N LYS A 76 -4.99 -14.40 -16.03
CA LYS A 76 -5.42 -15.59 -15.26
C LYS A 76 -6.95 -15.71 -15.20
N ASP A 77 -7.42 -16.93 -15.02
CA ASP A 77 -8.86 -17.20 -14.86
C ASP A 77 -9.17 -17.40 -13.38
N HIS A 78 -9.90 -16.44 -12.83
CA HIS A 78 -10.39 -16.52 -11.43
C HIS A 78 -11.09 -17.87 -11.19
N GLU A 79 -10.72 -18.60 -10.16
CA GLU A 79 -11.40 -19.91 -9.97
C GLU A 79 -12.30 -19.87 -8.72
N THR A 80 -13.63 -19.93 -8.92
CA THR A 80 -14.72 -19.78 -7.89
C THR A 80 -14.32 -20.43 -6.56
N MET A 81 -13.58 -19.64 -5.76
CA MET A 81 -12.98 -19.95 -4.44
C MET A 81 -11.86 -20.98 -4.59
N GLY A 82 -10.69 -20.49 -4.99
CA GLY A 82 -9.52 -21.36 -5.18
C GLY A 82 -8.38 -20.68 -5.92
N ARG A 83 -7.39 -21.51 -6.27
CA ARG A 83 -6.17 -21.06 -6.98
C ARG A 83 -6.55 -20.81 -8.43
N ASN A 84 -6.29 -19.58 -8.88
CA ASN A 84 -6.59 -19.10 -10.25
C ASN A 84 -5.73 -19.87 -11.25
N ARG A 85 -6.21 -20.02 -12.48
CA ARG A 85 -5.49 -20.77 -13.53
C ARG A 85 -4.95 -19.84 -14.62
N PHE A 86 -3.72 -20.12 -15.04
CA PHE A 86 -3.00 -19.33 -16.07
C PHE A 86 -3.73 -19.49 -17.41
N LEU A 87 -3.95 -18.39 -18.09
CA LEU A 87 -4.63 -18.39 -19.40
C LEU A 87 -3.61 -18.01 -20.48
N GLY A 88 -2.78 -17.04 -20.21
CA GLY A 88 -1.75 -16.57 -21.12
C GLY A 88 -0.94 -15.41 -20.56
N GLU A 89 0.22 -15.14 -21.17
CA GLU A 89 1.10 -14.03 -20.69
C GLU A 89 1.86 -13.43 -21.88
N ALA A 90 2.32 -12.19 -21.74
CA ALA A 90 3.08 -11.48 -22.79
C ALA A 90 4.08 -10.53 -22.12
N LYS A 91 5.18 -10.31 -22.80
CA LYS A 91 6.16 -9.31 -22.35
C LYS A 91 6.14 -8.21 -23.38
N VAL A 92 6.00 -7.00 -22.92
CA VAL A 92 5.95 -5.79 -23.77
C VAL A 92 7.19 -4.91 -23.52
N PRO A 93 7.97 -4.50 -24.55
CA PRO A 93 9.16 -3.68 -24.36
C PRO A 93 8.76 -2.21 -24.24
N LEU A 94 9.30 -1.59 -23.23
CA LEU A 94 9.01 -0.17 -22.96
C LEU A 94 9.98 0.72 -23.77
N ARG A 95 10.96 0.15 -24.46
CA ARG A 95 11.87 0.98 -25.27
C ARG A 95 11.06 1.73 -26.33
N GLU A 96 10.07 1.06 -26.90
CA GLU A 96 9.29 1.76 -27.94
C GLU A 96 8.46 2.90 -27.33
N VAL A 97 8.29 2.91 -26.00
CA VAL A 97 7.55 3.98 -25.29
C VAL A 97 8.41 5.23 -25.23
N LEU A 98 9.73 5.08 -25.25
CA LEU A 98 10.70 6.22 -25.17
C LEU A 98 10.96 6.84 -26.55
N ALA A 99 10.51 6.12 -27.56
CA ALA A 99 10.68 6.32 -29.01
C ALA A 99 9.92 7.53 -29.49
N THR A 100 8.60 7.47 -29.39
CA THR A 100 7.79 8.60 -29.90
C THR A 100 7.95 9.79 -28.95
N PRO A 101 7.88 11.06 -29.42
CA PRO A 101 8.02 12.23 -28.55
C PRO A 101 7.07 12.32 -27.36
N SER A 102 5.86 11.74 -27.45
CA SER A 102 4.81 11.77 -26.40
C SER A 102 5.12 10.85 -25.20
N LEU A 103 6.19 10.07 -25.22
CA LEU A 103 6.54 9.17 -24.09
C LEU A 103 5.32 8.30 -23.72
N SER A 104 4.71 7.76 -24.75
CA SER A 104 3.56 6.84 -24.59
C SER A 104 3.41 5.98 -25.85
N ALA A 105 2.84 4.78 -25.71
CA ALA A 105 2.62 3.88 -26.86
C ALA A 105 1.43 2.95 -26.59
N SER A 106 0.87 2.40 -27.66
CA SER A 106 -0.27 1.45 -27.59
C SER A 106 0.24 0.05 -27.93
N PHE A 107 -0.18 -0.95 -27.20
CA PHE A 107 0.28 -2.34 -27.42
C PHE A 107 -0.87 -3.32 -27.62
N ASN A 108 -0.75 -4.18 -28.61
CA ASN A 108 -1.68 -5.29 -28.90
C ASN A 108 -0.86 -6.56 -28.69
N ALA A 109 -0.90 -7.13 -27.52
CA ALA A 109 -0.01 -8.26 -27.19
C ALA A 109 -0.65 -9.62 -27.40
N PRO A 110 -0.14 -10.49 -28.28
CA PRO A 110 -0.62 -11.85 -28.41
C PRO A 110 -0.21 -12.58 -27.11
N LEU A 111 -1.16 -13.25 -26.44
CA LEU A 111 -0.83 -14.01 -25.21
C LEU A 111 -0.10 -15.31 -25.59
N LEU A 112 0.95 -15.64 -24.87
CA LEU A 112 1.71 -16.90 -25.06
C LEU A 112 1.36 -17.89 -23.94
N ASP A 113 1.51 -19.20 -24.16
CA ASP A 113 1.19 -20.25 -23.15
C ASP A 113 2.43 -20.56 -22.30
N THR A 114 2.35 -21.67 -21.55
CA THR A 114 3.45 -22.15 -20.66
C THR A 114 4.67 -22.54 -21.51
N LYS A 115 4.44 -22.87 -22.79
CA LYS A 115 5.51 -23.26 -23.73
C LYS A 115 5.86 -22.08 -24.66
N LYS A 116 5.41 -20.87 -24.30
CA LYS A 116 5.70 -19.64 -25.08
C LYS A 116 5.06 -19.69 -26.47
N GLN A 117 3.97 -20.46 -26.64
CA GLN A 117 3.28 -20.52 -27.95
C GLN A 117 2.02 -19.64 -27.89
N PRO A 118 1.72 -18.90 -28.95
CA PRO A 118 0.56 -18.01 -28.92
C PRO A 118 -0.71 -18.83 -28.63
N THR A 119 -1.52 -18.36 -27.68
CA THR A 119 -2.79 -19.03 -27.30
C THR A 119 -3.93 -18.62 -28.23
N GLY A 120 -3.74 -17.51 -28.96
CA GLY A 120 -4.78 -16.94 -29.83
C GLY A 120 -5.47 -15.75 -29.17
N ALA A 121 -5.27 -15.57 -27.87
CA ALA A 121 -5.86 -14.41 -27.14
C ALA A 121 -4.91 -13.21 -27.29
N SER A 122 -5.44 -11.99 -27.23
CA SER A 122 -4.63 -10.75 -27.35
C SER A 122 -5.03 -9.75 -26.25
N LEU A 123 -4.04 -9.02 -25.69
CA LEU A 123 -4.25 -8.00 -24.63
C LEU A 123 -3.85 -6.61 -25.14
N VAL A 124 -4.78 -5.68 -25.03
CA VAL A 124 -4.51 -4.30 -25.52
C VAL A 124 -4.28 -3.39 -24.32
N LEU A 125 -3.13 -2.71 -24.28
CA LEU A 125 -2.80 -1.80 -23.16
C LEU A 125 -2.02 -0.58 -23.69
N GLN A 126 -2.16 0.55 -23.02
CA GLN A 126 -1.48 1.81 -23.39
C GLN A 126 -0.51 2.13 -22.26
N VAL A 127 0.75 2.44 -22.59
CA VAL A 127 1.77 2.78 -21.57
C VAL A 127 2.11 4.27 -21.71
N SER A 128 2.68 4.87 -20.70
CA SER A 128 3.06 6.30 -20.76
C SER A 128 4.12 6.56 -19.69
N TYR A 129 5.08 7.42 -19.98
CA TYR A 129 6.17 7.67 -19.03
C TYR A 129 6.23 9.16 -18.71
N THR A 130 6.28 9.47 -17.42
CA THR A 130 6.46 10.86 -16.95
C THR A 130 7.78 10.88 -16.16
N PRO A 131 8.86 11.15 -16.88
CA PRO A 131 10.24 11.18 -16.36
C PRO A 131 10.42 11.72 -14.92
N GLY B 6 -24.49 -13.33 18.86
CA GLY B 6 -24.42 -13.71 17.44
C GLY B 6 -23.46 -12.82 16.67
N MET B 7 -22.80 -13.39 15.65
CA MET B 7 -21.83 -12.62 14.82
C MET B 7 -22.47 -12.15 13.52
N LEU B 8 -22.37 -10.83 13.29
CA LEU B 8 -22.84 -10.11 12.08
C LEU B 8 -21.61 -9.87 11.20
N ARG B 9 -21.52 -10.62 10.11
CA ARG B 9 -20.39 -10.55 9.14
C ARG B 9 -20.92 -10.07 7.78
N VAL B 10 -20.46 -8.88 7.36
CA VAL B 10 -20.84 -8.24 6.07
C VAL B 10 -19.59 -8.17 5.17
N PHE B 11 -19.63 -8.84 4.02
CA PHE B 11 -18.51 -8.87 3.06
C PHE B 11 -18.81 -7.82 1.99
N ILE B 12 -17.91 -6.85 1.83
CA ILE B 12 -18.09 -5.77 0.82
C ILE B 12 -17.35 -6.23 -0.43
N LEU B 13 -18.09 -6.53 -1.50
CA LEU B 13 -17.44 -7.04 -2.75
C LEU B 13 -16.95 -5.87 -3.61
N TYR B 14 -17.88 -5.18 -4.26
CA TYR B 14 -17.50 -4.07 -5.17
C TYR B 14 -18.66 -3.08 -5.35
N ALA B 15 -18.33 -1.97 -5.96
CA ALA B 15 -19.26 -0.91 -6.38
C ALA B 15 -19.18 -0.79 -7.91
N GLU B 16 -20.25 -0.31 -8.53
CA GLU B 16 -20.28 -0.10 -9.98
C GLU B 16 -20.84 1.30 -10.27
N ASN B 17 -20.25 1.99 -11.27
CA ASN B 17 -20.75 3.31 -11.69
C ASN B 17 -20.66 4.35 -10.56
N VAL B 18 -19.55 4.34 -9.81
CA VAL B 18 -19.31 5.34 -8.73
C VAL B 18 -18.42 6.41 -9.34
N HIS B 19 -18.94 7.63 -9.44
CA HIS B 19 -18.18 8.74 -10.07
C HIS B 19 -18.04 9.94 -9.14
N THR B 20 -16.91 10.64 -9.27
CA THR B 20 -16.69 11.93 -8.58
C THR B 20 -17.47 13.03 -9.33
N PRO B 21 -17.48 14.26 -8.81
CA PRO B 21 -18.19 15.34 -9.49
C PRO B 21 -17.30 16.02 -10.55
N ASP B 22 -16.07 15.58 -10.70
CA ASP B 22 -15.18 16.30 -11.66
C ASP B 22 -14.33 15.32 -12.48
N THR B 23 -13.25 15.83 -13.06
CA THR B 23 -12.35 15.02 -13.93
C THR B 23 -11.61 13.96 -13.10
N ASP B 24 -11.66 14.05 -11.77
CA ASP B 24 -10.99 13.03 -10.91
C ASP B 24 -11.64 11.66 -11.15
N ILE B 25 -10.82 10.62 -11.27
CA ILE B 25 -11.35 9.22 -11.37
C ILE B 25 -11.45 8.78 -9.91
N SER B 26 -12.59 8.22 -9.53
CA SER B 26 -12.87 7.93 -8.10
C SER B 26 -11.76 7.10 -7.44
N ASP B 27 -11.38 7.52 -6.22
CA ASP B 27 -10.41 6.81 -5.34
C ASP B 27 -11.27 6.38 -4.15
N ALA B 28 -12.21 5.47 -4.43
CA ALA B 28 -13.29 5.07 -3.52
C ALA B 28 -12.89 4.07 -2.41
N TYR B 29 -13.54 4.30 -1.29
CA TYR B 29 -13.51 3.49 -0.06
C TYR B 29 -14.95 3.39 0.46
N CYS B 30 -15.17 2.35 1.21
CA CYS B 30 -16.54 2.05 1.62
C CYS B 30 -16.63 1.90 3.14
N SER B 31 -17.31 2.82 3.79
CA SER B 31 -17.54 2.68 5.25
C SER B 31 -18.86 1.95 5.45
N ALA B 32 -18.95 1.19 6.54
CA ALA B 32 -20.12 0.39 6.94
C ALA B 32 -20.25 0.52 8.44
N VAL B 33 -21.43 1.00 8.87
CA VAL B 33 -21.77 1.28 10.29
C VAL B 33 -22.97 0.43 10.72
N PHE B 34 -22.81 -0.30 11.81
CA PHE B 34 -23.94 -1.04 12.43
C PHE B 34 -23.90 -0.83 13.95
N ALA B 35 -24.99 -0.30 14.50
CA ALA B 35 -25.12 -0.09 15.96
C ALA B 35 -23.98 0.78 16.50
N GLY B 36 -23.62 1.85 15.81
CA GLY B 36 -22.58 2.80 16.27
C GLY B 36 -21.18 2.28 16.04
N VAL B 37 -21.06 1.05 15.50
CA VAL B 37 -19.74 0.43 15.20
C VAL B 37 -19.41 0.71 13.73
N LYS B 38 -18.30 1.43 13.48
CA LYS B 38 -17.91 1.78 12.12
C LYS B 38 -16.74 0.91 11.63
N LYS B 39 -16.89 0.43 10.41
CA LYS B 39 -15.91 -0.36 9.67
C LYS B 39 -15.59 0.36 8.36
N ARG B 40 -14.39 0.20 7.83
CA ARG B 40 -14.01 0.90 6.58
C ARG B 40 -13.04 0.06 5.75
N THR B 41 -13.34 -0.05 4.44
CA THR B 41 -12.50 -0.77 3.44
C THR B 41 -11.23 0.03 3.15
N LYS B 42 -10.38 -0.54 2.33
CA LYS B 42 -9.18 0.14 1.78
C LYS B 42 -9.61 1.07 0.63
N VAL B 43 -8.70 1.92 0.16
CA VAL B 43 -9.02 2.88 -0.93
C VAL B 43 -8.61 2.26 -2.27
N ILE B 44 -9.53 2.25 -3.25
CA ILE B 44 -9.20 1.73 -4.60
C ILE B 44 -8.88 2.95 -5.47
N LYS B 45 -7.63 3.07 -5.91
CA LYS B 45 -7.20 4.26 -6.69
C LYS B 45 -7.75 4.23 -8.13
N ASN B 46 -8.28 5.38 -8.56
CA ASN B 46 -8.63 5.59 -9.99
C ASN B 46 -9.54 4.51 -10.58
N SER B 47 -10.67 4.23 -9.93
CA SER B 47 -11.62 3.27 -10.53
C SER B 47 -13.05 3.74 -10.28
N VAL B 48 -13.87 3.78 -11.34
CA VAL B 48 -15.32 4.09 -11.18
C VAL B 48 -16.08 2.79 -10.86
N ASN B 49 -15.38 1.65 -10.85
CA ASN B 49 -15.97 0.33 -10.49
C ASN B 49 -15.01 -0.34 -9.50
N PRO B 50 -14.80 0.27 -8.33
CA PRO B 50 -13.85 -0.28 -7.37
C PRO B 50 -14.26 -1.64 -6.79
N VAL B 51 -13.30 -2.55 -6.67
CA VAL B 51 -13.55 -3.88 -6.04
C VAL B 51 -12.74 -3.91 -4.74
N TRP B 52 -13.44 -4.07 -3.60
CA TRP B 52 -12.75 -4.15 -2.28
C TRP B 52 -12.57 -5.61 -1.85
N ASN B 53 -13.63 -6.43 -1.95
CA ASN B 53 -13.53 -7.86 -1.54
C ASN B 53 -12.99 -7.92 -0.10
N GLU B 54 -13.64 -7.19 0.81
CA GLU B 54 -13.20 -7.10 2.23
C GLU B 54 -14.34 -7.55 3.13
N GLY B 55 -14.00 -8.31 4.17
CA GLY B 55 -14.97 -8.84 5.14
C GLY B 55 -14.87 -8.14 6.49
N PHE B 56 -16.00 -7.88 7.09
CA PHE B 56 -16.05 -7.23 8.43
C PHE B 56 -17.00 -8.03 9.34
N GLU B 57 -16.78 -7.91 10.65
CA GLU B 57 -17.61 -8.64 11.65
C GLU B 57 -18.01 -7.72 12.81
N TRP B 58 -19.23 -7.91 13.31
CA TRP B 58 -19.78 -7.21 14.51
C TRP B 58 -20.22 -8.26 15.53
N ASP B 59 -19.61 -8.25 16.70
CA ASP B 59 -20.08 -9.18 17.78
C ASP B 59 -21.28 -8.48 18.44
N LEU B 60 -22.50 -8.97 18.26
CA LEU B 60 -23.70 -8.31 18.86
C LEU B 60 -23.60 -8.28 20.40
N LYS B 61 -22.99 -9.30 21.01
CA LYS B 61 -22.63 -9.26 22.47
C LYS B 61 -23.71 -8.63 23.37
N GLY B 62 -24.99 -8.83 23.06
CA GLY B 62 -26.05 -8.28 23.92
C GLY B 62 -26.20 -6.77 23.97
N ILE B 63 -25.85 -6.11 22.87
CA ILE B 63 -26.02 -4.63 22.75
C ILE B 63 -27.43 -4.39 22.22
N PRO B 64 -28.25 -3.53 22.87
CA PRO B 64 -29.61 -3.24 22.46
C PRO B 64 -29.86 -3.59 20.99
N LEU B 65 -30.82 -4.49 20.75
CA LEU B 65 -31.16 -4.91 19.37
C LEU B 65 -32.45 -4.20 19.00
N ASP B 66 -32.38 -2.87 18.98
CA ASP B 66 -33.47 -1.95 18.68
C ASP B 66 -34.16 -2.50 17.44
N GLN B 67 -35.37 -3.02 17.64
CA GLN B 67 -36.27 -3.70 16.66
C GLN B 67 -35.75 -3.58 15.23
N GLY B 68 -35.82 -2.37 14.65
CA GLY B 68 -35.34 -2.04 13.29
C GLY B 68 -33.96 -1.41 13.36
N SER B 69 -32.94 -2.09 12.83
CA SER B 69 -31.53 -1.60 12.88
C SER B 69 -30.77 -1.99 11.61
N GLU B 70 -30.59 -0.98 10.76
CA GLU B 70 -29.97 -1.11 9.42
C GLU B 70 -28.43 -1.05 9.42
N LEU B 71 -27.85 -1.54 8.34
CA LEU B 71 -26.42 -1.32 8.07
C LEU B 71 -26.33 -0.02 7.26
N HIS B 72 -25.64 0.99 7.74
CA HIS B 72 -25.50 2.24 6.96
C HIS B 72 -24.19 2.22 6.17
N VAL B 73 -24.28 2.12 4.87
CA VAL B 73 -23.08 2.03 3.99
C VAL B 73 -22.85 3.36 3.28
N VAL B 74 -21.62 3.86 3.27
CA VAL B 74 -21.33 5.16 2.60
C VAL B 74 -20.05 5.02 1.77
N VAL B 75 -20.12 5.36 0.48
CA VAL B 75 -18.96 5.29 -0.44
C VAL B 75 -18.46 6.71 -0.64
N LYS B 76 -17.15 6.91 -0.46
CA LYS B 76 -16.54 8.25 -0.58
C LYS B 76 -15.29 8.18 -1.47
N ASP B 77 -14.92 9.34 -1.99
CA ASP B 77 -13.72 9.47 -2.85
C ASP B 77 -12.59 10.06 -2.01
N HIS B 78 -11.48 9.33 -1.89
CA HIS B 78 -10.30 9.80 -1.10
C HIS B 78 -9.67 11.02 -1.78
N GLU B 79 -9.36 12.06 -1.01
CA GLU B 79 -8.73 13.29 -1.58
C GLU B 79 -7.39 13.55 -0.88
N THR B 80 -6.38 14.01 -1.63
CA THR B 80 -5.04 14.28 -1.06
C THR B 80 -4.86 15.78 -0.81
N MET B 81 -5.61 16.62 -1.52
CA MET B 81 -5.48 18.10 -1.38
C MET B 81 -6.64 18.68 -0.55
N GLY B 82 -7.75 17.95 -0.44
CA GLY B 82 -8.91 18.46 0.33
C GLY B 82 -9.67 17.40 1.12
N ARG B 83 -10.88 17.73 1.53
CA ARG B 83 -11.70 16.79 2.33
C ARG B 83 -12.20 15.65 1.43
N ASN B 84 -12.35 14.44 1.99
CA ASN B 84 -12.92 13.30 1.22
C ASN B 84 -14.32 13.66 0.68
N ARG B 85 -14.67 13.16 -0.51
CA ARG B 85 -15.99 13.55 -1.06
C ARG B 85 -16.99 12.38 -1.03
N PHE B 86 -18.18 12.66 -0.50
CA PHE B 86 -19.29 11.67 -0.44
C PHE B 86 -19.73 11.39 -1.88
N LEU B 87 -19.83 10.12 -2.25
CA LEU B 87 -20.27 9.71 -3.61
C LEU B 87 -21.69 9.14 -3.56
N GLY B 88 -21.94 8.27 -2.58
CA GLY B 88 -23.27 7.64 -2.44
C GLY B 88 -23.39 6.86 -1.15
N GLU B 89 -24.62 6.76 -0.62
CA GLU B 89 -24.91 6.03 0.64
C GLU B 89 -26.24 5.28 0.48
N ALA B 90 -26.34 4.09 1.09
CA ALA B 90 -27.58 3.27 1.01
C ALA B 90 -27.85 2.64 2.37
N LYS B 91 -29.13 2.48 2.73
CA LYS B 91 -29.48 1.88 4.04
C LYS B 91 -29.95 0.45 3.74
N VAL B 92 -29.23 -0.54 4.24
CA VAL B 92 -29.57 -1.98 4.05
C VAL B 92 -30.38 -2.49 5.25
N PRO B 93 -31.64 -2.91 5.05
CA PRO B 93 -32.46 -3.46 6.12
C PRO B 93 -32.09 -4.93 6.37
N LEU B 94 -31.13 -5.11 7.26
CA LEU B 94 -30.57 -6.42 7.67
C LEU B 94 -31.67 -7.40 8.08
N ARG B 95 -32.66 -6.96 8.83
CA ARG B 95 -33.75 -7.87 9.23
C ARG B 95 -34.41 -8.49 7.99
N GLU B 96 -34.68 -7.68 6.97
CA GLU B 96 -35.41 -8.19 5.77
C GLU B 96 -34.50 -9.09 4.92
N VAL B 97 -33.24 -8.69 4.76
CA VAL B 97 -32.26 -9.43 3.90
C VAL B 97 -31.88 -10.76 4.57
N LEU B 98 -31.72 -10.74 5.90
CA LEU B 98 -31.33 -11.96 6.65
C LEU B 98 -32.53 -12.88 6.90
N ALA B 99 -33.71 -12.54 6.39
CA ALA B 99 -34.91 -13.39 6.67
C ALA B 99 -34.97 -14.55 5.69
N THR B 100 -33.95 -15.41 5.77
CA THR B 100 -33.80 -16.64 4.94
C THR B 100 -33.44 -17.82 5.84
N PRO B 101 -33.71 -19.05 5.40
CA PRO B 101 -33.42 -20.22 6.25
C PRO B 101 -31.96 -20.30 6.69
N SER B 102 -31.02 -19.90 5.83
CA SER B 102 -29.56 -20.04 6.08
C SER B 102 -28.96 -18.86 6.85
N LEU B 103 -29.74 -17.82 7.13
CA LEU B 103 -29.24 -16.62 7.87
C LEU B 103 -28.11 -15.95 7.06
N SER B 104 -28.18 -16.02 5.73
CA SER B 104 -27.20 -15.33 4.87
C SER B 104 -27.87 -14.92 3.56
N ALA B 105 -27.44 -13.78 3.01
CA ALA B 105 -28.02 -13.32 1.72
C ALA B 105 -27.06 -12.37 1.01
N SER B 106 -27.30 -12.18 -0.28
CA SER B 106 -26.53 -11.24 -1.12
C SER B 106 -27.48 -10.07 -1.41
N PHE B 107 -27.00 -8.83 -1.37
CA PHE B 107 -27.80 -7.61 -1.55
C PHE B 107 -27.11 -6.58 -2.49
N ASN B 108 -27.84 -6.10 -3.49
CA ASN B 108 -27.39 -5.01 -4.38
C ASN B 108 -28.06 -3.74 -3.86
N ALA B 109 -27.29 -2.90 -3.16
CA ALA B 109 -27.80 -1.65 -2.56
C ALA B 109 -27.60 -0.48 -3.53
N PRO B 110 -28.70 0.10 -4.06
CA PRO B 110 -28.63 1.26 -4.97
C PRO B 110 -28.17 2.49 -4.17
N LEU B 111 -27.07 3.14 -4.55
CA LEU B 111 -26.56 4.29 -3.79
C LEU B 111 -27.42 5.55 -4.01
N LEU B 112 -27.68 6.25 -2.92
CA LEU B 112 -28.47 7.49 -2.88
C LEU B 112 -27.56 8.71 -2.65
N ASP B 113 -27.95 9.86 -3.19
CA ASP B 113 -27.19 11.13 -3.10
C ASP B 113 -27.50 11.84 -1.76
N THR B 114 -27.07 13.09 -1.63
CA THR B 114 -27.30 13.91 -0.41
C THR B 114 -28.79 14.25 -0.26
N LYS B 115 -29.57 14.12 -1.34
CA LYS B 115 -31.01 14.46 -1.32
C LYS B 115 -31.87 13.20 -1.37
N LYS B 116 -31.25 12.03 -1.17
CA LYS B 116 -31.99 10.73 -1.16
C LYS B 116 -32.48 10.35 -2.57
N GLN B 117 -31.73 10.73 -3.61
CA GLN B 117 -32.11 10.36 -5.00
C GLN B 117 -31.05 9.41 -5.57
N PRO B 118 -31.46 8.42 -6.37
CA PRO B 118 -30.50 7.47 -6.94
C PRO B 118 -29.39 8.15 -7.77
N THR B 119 -28.16 7.74 -7.51
CA THR B 119 -26.94 8.27 -8.19
C THR B 119 -26.67 7.43 -9.44
N GLY B 120 -27.32 6.28 -9.54
CA GLY B 120 -27.04 5.35 -10.65
C GLY B 120 -25.94 4.36 -10.28
N ALA B 121 -25.34 4.54 -9.10
CA ALA B 121 -24.28 3.66 -8.59
C ALA B 121 -24.89 2.59 -7.68
N SER B 122 -24.24 1.42 -7.60
CA SER B 122 -24.75 0.31 -6.75
C SER B 122 -23.57 -0.40 -6.06
N LEU B 123 -23.78 -0.80 -4.79
CA LEU B 123 -22.76 -1.51 -3.99
C LEU B 123 -23.22 -2.96 -3.80
N VAL B 124 -22.35 -3.93 -4.08
CA VAL B 124 -22.70 -5.36 -3.96
C VAL B 124 -22.08 -5.92 -2.67
N LEU B 125 -22.93 -6.58 -1.85
CA LEU B 125 -22.43 -7.09 -0.55
C LEU B 125 -23.09 -8.41 -0.19
N GLN B 126 -22.50 -9.09 0.75
CA GLN B 126 -23.06 -10.34 1.28
C GLN B 126 -23.24 -10.15 2.78
N VAL B 127 -24.38 -10.52 3.34
CA VAL B 127 -24.65 -10.41 4.78
C VAL B 127 -25.03 -11.81 5.30
N SER B 128 -24.53 -12.10 6.48
CA SER B 128 -24.85 -13.33 7.24
C SER B 128 -24.73 -13.12 8.77
N TYR B 129 -25.61 -13.79 9.53
CA TYR B 129 -25.63 -13.75 11.02
C TYR B 129 -25.61 -15.19 11.54
N THR B 130 -24.71 -15.47 12.49
CA THR B 130 -24.55 -16.84 13.06
C THR B 130 -25.14 -16.83 14.47
N PRO B 131 -26.24 -17.57 14.70
CA PRO B 131 -26.85 -17.55 16.03
C PRO B 131 -25.86 -17.97 17.13
N GLY C 5 5.09 -10.82 29.23
CA GLY C 5 6.16 -10.92 28.23
C GLY C 5 5.66 -11.26 26.85
N GLY C 6 4.38 -10.98 26.60
CA GLY C 6 3.65 -11.18 25.32
C GLY C 6 3.88 -10.05 24.32
N MET C 7 2.83 -9.56 23.65
CA MET C 7 3.13 -8.53 22.63
C MET C 7 1.96 -7.60 22.36
N LEU C 8 2.28 -6.31 22.19
CA LEU C 8 1.27 -5.28 21.81
C LEU C 8 1.55 -4.92 20.34
N ARG C 9 0.58 -5.18 19.47
CA ARG C 9 0.72 -4.86 18.03
C ARG C 9 -0.16 -3.64 17.75
N VAL C 10 0.46 -2.56 17.27
CA VAL C 10 -0.31 -1.33 16.95
C VAL C 10 -0.34 -1.16 15.43
N PHE C 11 -1.54 -1.11 14.84
CA PHE C 11 -1.71 -0.92 13.37
C PHE C 11 -2.30 0.46 13.12
N ILE C 12 -1.47 1.41 12.67
CA ILE C 12 -1.93 2.80 12.41
C ILE C 12 -2.54 2.86 11.00
N LEU C 13 -3.84 3.06 10.95
CA LEU C 13 -4.58 2.99 9.65
C LEU C 13 -4.46 4.32 8.91
N TYR C 14 -5.15 5.34 9.41
CA TYR C 14 -5.20 6.63 8.69
C TYR C 14 -5.63 7.81 9.58
N ALA C 15 -5.58 9.00 9.01
CA ALA C 15 -6.09 10.21 9.70
C ALA C 15 -6.80 11.09 8.66
N GLU C 16 -7.92 11.72 9.03
CA GLU C 16 -8.68 12.57 8.06
C GLU C 16 -8.66 14.03 8.51
N ASN C 17 -8.63 14.96 7.54
CA ASN C 17 -8.64 16.41 7.82
C ASN C 17 -7.40 16.81 8.65
N VAL C 18 -6.24 16.36 8.21
CA VAL C 18 -4.95 16.70 8.87
C VAL C 18 -4.42 17.94 8.15
N HIS C 19 -4.38 19.07 8.84
CA HIS C 19 -3.90 20.33 8.21
C HIS C 19 -2.77 20.94 9.02
N THR C 20 -1.77 21.46 8.31
CA THR C 20 -0.61 22.20 8.88
C THR C 20 -1.03 23.64 9.24
N PRO C 21 -0.15 24.39 9.91
CA PRO C 21 -0.46 25.77 10.29
C PRO C 21 -0.59 26.75 9.12
N ASP C 22 -0.08 26.40 7.93
CA ASP C 22 -0.05 27.35 6.80
C ASP C 22 -0.53 26.72 5.48
N THR C 23 -0.06 27.28 4.37
CA THR C 23 -0.39 26.85 2.97
C THR C 23 0.21 25.48 2.60
N ASP C 24 1.11 24.97 3.44
CA ASP C 24 1.74 23.65 3.19
C ASP C 24 0.68 22.55 3.28
N ILE C 25 0.74 21.58 2.37
CA ILE C 25 -0.21 20.43 2.42
C ILE C 25 0.44 19.43 3.38
N SER C 26 -0.25 18.97 4.41
CA SER C 26 0.33 18.00 5.38
C SER C 26 1.20 16.87 4.79
N ASP C 27 2.42 16.75 5.31
CA ASP C 27 3.38 15.66 5.03
C ASP C 27 3.47 14.94 6.36
N ALA C 28 2.31 14.41 6.71
CA ALA C 28 2.10 13.80 8.05
C ALA C 28 2.73 12.42 8.23
N TYR C 29 3.19 12.23 9.46
CA TYR C 29 3.69 10.95 10.02
C TYR C 29 3.23 10.89 11.48
N CYS C 30 3.05 9.68 11.97
CA CYS C 30 2.54 9.46 13.34
C CYS C 30 3.63 8.82 14.21
N SER C 31 3.74 9.32 15.45
CA SER C 31 4.72 8.80 16.43
C SER C 31 3.89 8.09 17.51
N ALA C 32 4.30 6.89 17.89
CA ALA C 32 3.55 6.17 18.94
C ALA C 32 4.50 5.73 20.04
N VAL C 33 4.17 6.04 21.30
CA VAL C 33 5.04 5.64 22.45
C VAL C 33 4.25 4.73 23.38
N PHE C 34 4.76 3.52 23.61
CA PHE C 34 4.16 2.59 24.61
C PHE C 34 5.27 2.16 25.57
N ALA C 35 5.01 2.27 26.88
CA ALA C 35 5.97 1.86 27.93
C ALA C 35 7.29 2.61 27.74
N GLY C 36 7.23 3.85 27.24
CA GLY C 36 8.44 4.68 27.06
C GLY C 36 9.23 4.31 25.82
N VAL C 37 8.65 3.45 24.97
CA VAL C 37 9.34 3.03 23.71
C VAL C 37 8.62 3.66 22.51
N LYS C 38 9.37 4.39 21.69
CA LYS C 38 8.77 5.16 20.57
C LYS C 38 9.03 4.54 19.20
N LYS C 39 8.00 4.56 18.37
CA LYS C 39 8.06 4.10 16.97
C LYS C 39 7.33 5.11 16.08
N ARG C 40 7.69 5.17 14.80
CA ARG C 40 7.07 6.19 13.92
C ARG C 40 6.81 5.61 12.53
N THR C 41 5.78 6.14 11.87
CA THR C 41 5.41 5.71 10.51
C THR C 41 6.24 6.44 9.45
N LYS C 42 6.06 6.02 8.18
CA LYS C 42 6.60 6.72 6.99
C LYS C 42 5.82 8.03 6.83
N VAL C 43 6.45 8.99 6.16
CA VAL C 43 5.84 10.31 5.88
C VAL C 43 4.93 10.16 4.64
N ILE C 44 3.67 10.56 4.74
CA ILE C 44 2.80 10.56 3.52
C ILE C 44 2.95 11.97 2.93
N LYS C 45 3.65 12.08 1.80
CA LYS C 45 3.89 13.41 1.17
C LYS C 45 2.58 14.07 0.67
N ASN C 46 2.39 15.33 1.04
CA ASN C 46 1.31 16.21 0.48
C ASN C 46 -0.10 15.58 0.59
N SER C 47 -0.60 15.20 1.78
CA SER C 47 -1.99 14.68 1.88
C SER C 47 -2.64 15.15 3.19
N VAL C 48 -3.85 15.69 3.10
CA VAL C 48 -4.63 16.09 4.31
C VAL C 48 -5.46 14.89 4.77
N ASN C 49 -5.35 13.76 4.07
CA ASN C 49 -6.01 12.49 4.46
C ASN C 49 -4.96 11.38 4.34
N PRO C 50 -3.95 11.42 5.20
CA PRO C 50 -2.89 10.42 5.10
C PRO C 50 -3.37 8.99 5.41
N VAL C 51 -2.98 8.04 4.56
CA VAL C 51 -3.28 6.60 4.82
C VAL C 51 -1.93 5.90 4.98
N TRP C 52 -1.58 5.52 6.19
CA TRP C 52 -0.30 4.83 6.46
C TRP C 52 -0.43 3.30 6.29
N ASN C 53 -1.43 2.68 6.92
CA ASN C 53 -1.60 1.21 6.86
C ASN C 53 -0.28 0.56 7.31
N GLU C 54 0.22 0.99 8.47
CA GLU C 54 1.53 0.49 8.99
C GLU C 54 1.34 -0.18 10.35
N GLY C 55 1.96 -1.36 10.49
CA GLY C 55 1.96 -2.17 11.72
C GLY C 55 3.21 -2.02 12.54
N PHE C 56 3.03 -2.02 13.85
CA PHE C 56 4.13 -1.87 14.83
C PHE C 56 3.97 -2.93 15.91
N GLU C 57 5.08 -3.39 16.46
CA GLU C 57 5.06 -4.42 17.53
C GLU C 57 6.03 -4.04 18.65
N TRP C 58 5.49 -3.94 19.87
CA TRP C 58 6.33 -3.64 21.04
C TRP C 58 6.72 -4.95 21.69
N ASP C 59 8.03 -5.19 21.73
CA ASP C 59 8.58 -6.35 22.47
C ASP C 59 8.31 -6.05 23.95
N LEU C 60 7.12 -6.45 24.41
CA LEU C 60 6.62 -6.24 25.77
C LEU C 60 7.80 -6.75 26.62
N LYS C 61 8.35 -5.86 27.45
CA LYS C 61 9.53 -6.18 28.27
C LYS C 61 8.91 -6.94 29.47
N GLY C 62 7.66 -6.55 29.80
CA GLY C 62 6.78 -7.06 30.87
C GLY C 62 5.29 -6.91 30.50
N ILE C 63 4.36 -7.51 31.27
CA ILE C 63 2.89 -7.51 30.99
C ILE C 63 2.46 -6.14 30.46
N GLY C 68 -5.45 -0.09 32.74
CA GLY C 68 -4.94 1.27 33.01
C GLY C 68 -3.95 1.76 31.95
N SER C 69 -3.40 0.85 31.17
CA SER C 69 -2.34 1.16 30.17
C SER C 69 -2.80 2.10 29.04
N GLU C 70 -1.89 2.91 28.52
CA GLU C 70 -2.26 3.81 27.41
C GLU C 70 -1.19 3.79 26.32
N LEU C 71 -1.50 4.37 25.20
CA LEU C 71 -0.60 4.54 24.04
C LEU C 71 -0.60 6.04 23.70
N HIS C 72 0.58 6.66 23.64
CA HIS C 72 0.69 8.11 23.32
C HIS C 72 1.01 8.28 21.83
N VAL C 73 0.04 8.79 21.05
CA VAL C 73 0.26 8.98 19.60
C VAL C 73 0.40 10.48 19.30
N VAL C 74 1.35 10.83 18.41
CA VAL C 74 1.57 12.25 18.03
C VAL C 74 1.67 12.34 16.50
N VAL C 75 0.78 13.11 15.87
CA VAL C 75 0.78 13.27 14.39
C VAL C 75 1.60 14.53 14.13
N LYS C 76 2.62 14.40 13.29
CA LYS C 76 3.53 15.52 13.00
C LYS C 76 3.61 15.74 11.49
N ASP C 77 4.12 16.89 11.14
CA ASP C 77 4.31 17.31 9.74
C ASP C 77 5.80 17.39 9.49
N HIS C 78 6.27 16.57 8.57
CA HIS C 78 7.70 16.57 8.18
C HIS C 78 8.02 17.91 7.54
N GLU C 79 9.10 18.58 7.96
CA GLU C 79 9.50 19.88 7.37
C GLU C 79 10.87 19.69 6.71
N THR C 80 11.00 19.95 5.41
CA THR C 80 12.32 19.70 4.77
C THR C 80 13.39 20.63 5.34
N MET C 81 14.54 20.06 5.72
CA MET C 81 15.70 20.77 6.32
C MET C 81 15.25 21.64 7.49
N GLY C 82 14.77 21.00 8.56
CA GLY C 82 14.29 21.74 9.73
C GLY C 82 13.59 20.82 10.71
N ARG C 83 13.18 21.39 11.85
CA ARG C 83 12.46 20.66 12.92
C ARG C 83 11.02 20.41 12.44
N ASN C 84 10.54 19.18 12.60
CA ASN C 84 9.17 18.80 12.15
C ASN C 84 8.14 19.58 12.99
N ARG C 85 6.92 19.76 12.44
CA ARG C 85 5.88 20.55 13.12
C ARG C 85 4.80 19.64 13.72
N PHE C 86 4.42 19.92 14.97
CA PHE C 86 3.36 19.20 15.71
C PHE C 86 1.99 19.57 15.12
N LEU C 87 1.15 18.57 14.87
CA LEU C 87 -0.22 18.84 14.34
C LEU C 87 -1.28 18.45 15.38
N GLY C 88 -1.09 17.32 16.04
CA GLY C 88 -2.05 16.89 17.07
C GLY C 88 -1.55 15.70 17.86
N GLU C 89 -2.17 15.41 18.99
CA GLU C 89 -1.76 14.21 19.77
C GLU C 89 -2.95 13.63 20.53
N ALA C 90 -2.87 12.34 20.88
CA ALA C 90 -3.97 11.68 21.59
C ALA C 90 -3.44 10.54 22.48
N LYS C 91 -3.95 10.44 23.70
CA LYS C 91 -3.58 9.40 24.69
C LYS C 91 -4.71 8.36 24.63
N VAL C 92 -4.42 7.17 24.11
CA VAL C 92 -5.52 6.16 23.91
C VAL C 92 -5.52 5.16 25.07
N PRO C 93 -6.62 5.13 25.83
CA PRO C 93 -6.70 4.17 26.94
C PRO C 93 -6.81 2.77 26.27
N LEU C 94 -5.94 1.84 26.64
CA LEU C 94 -5.91 0.46 26.06
C LEU C 94 -6.77 -0.51 26.88
N ARG C 95 -7.51 -0.02 27.86
CA ARG C 95 -8.34 -0.86 28.77
C ARG C 95 -9.36 -1.66 27.94
N GLU C 96 -9.94 -1.04 26.91
CA GLU C 96 -10.96 -1.69 26.05
C GLU C 96 -10.35 -2.89 25.30
N VAL C 97 -9.02 -2.88 25.12
CA VAL C 97 -8.31 -3.97 24.38
C VAL C 97 -8.33 -5.23 25.25
N LEU C 98 -8.65 -5.11 26.54
CA LEU C 98 -8.69 -6.32 27.41
C LEU C 98 -10.14 -6.69 27.66
N ALA C 99 -11.04 -5.75 27.45
CA ALA C 99 -12.51 -5.87 27.67
C ALA C 99 -13.08 -7.01 26.81
N THR C 100 -12.49 -7.29 25.65
CA THR C 100 -13.04 -8.33 24.74
C THR C 100 -12.14 -9.58 24.72
N PRO C 101 -12.75 -10.68 24.30
CA PRO C 101 -12.08 -11.95 24.18
C PRO C 101 -11.09 -11.98 23.00
N SER C 102 -11.26 -11.12 21.98
CA SER C 102 -10.34 -11.06 20.80
C SER C 102 -8.95 -10.45 21.12
N LEU C 103 -8.91 -9.84 22.31
CA LEU C 103 -7.76 -9.09 22.89
C LEU C 103 -7.29 -8.03 21.88
N SER C 104 -8.26 -7.44 21.19
CA SER C 104 -7.96 -6.39 20.19
C SER C 104 -9.11 -5.39 20.18
N ALA C 105 -8.79 -4.14 19.85
CA ALA C 105 -9.84 -3.09 19.78
C ALA C 105 -9.44 -2.05 18.74
N SER C 106 -10.42 -1.45 18.08
CA SER C 106 -10.17 -0.37 17.11
C SER C 106 -10.47 0.97 17.78
N PHE C 107 -9.74 2.01 17.41
CA PHE C 107 -9.95 3.35 18.02
C PHE C 107 -10.02 4.44 16.94
N ASN C 108 -10.90 5.41 17.20
CA ASN C 108 -10.95 6.68 16.43
C ASN C 108 -10.52 7.71 17.48
N ALA C 109 -9.26 8.08 17.49
CA ALA C 109 -8.77 8.98 18.56
C ALA C 109 -8.73 10.44 18.08
N PRO C 110 -9.48 11.30 18.77
CA PRO C 110 -9.50 12.72 18.46
C PRO C 110 -8.10 13.28 18.72
N LEU C 111 -7.59 14.11 17.79
CA LEU C 111 -6.26 14.74 17.95
C LEU C 111 -6.43 16.04 18.75
N LEU C 112 -5.64 16.19 19.82
CA LEU C 112 -5.69 17.37 20.73
C LEU C 112 -4.53 18.33 20.42
N ASP C 113 -4.75 19.62 20.65
CA ASP C 113 -3.74 20.68 20.37
C ASP C 113 -2.84 20.91 21.60
N THR C 114 -2.02 21.97 21.57
CA THR C 114 -1.07 22.29 22.67
C THR C 114 -1.81 22.62 23.97
N LYS C 115 -3.07 23.06 23.88
CA LYS C 115 -3.87 23.40 25.11
C LYS C 115 -4.90 22.29 25.40
N LYS C 116 -4.67 21.08 24.88
CA LYS C 116 -5.55 19.90 25.11
C LYS C 116 -6.93 20.09 24.47
N GLN C 117 -7.04 20.96 23.47
CA GLN C 117 -8.34 21.19 22.78
C GLN C 117 -8.35 20.41 21.45
N PRO C 118 -9.49 19.83 21.09
CA PRO C 118 -9.59 19.05 19.86
C PRO C 118 -9.26 19.92 18.63
N THR C 119 -8.49 19.37 17.69
CA THR C 119 -8.12 20.11 16.46
C THR C 119 -9.14 19.86 15.35
N GLY C 120 -10.11 18.99 15.60
CA GLY C 120 -11.08 18.58 14.56
C GLY C 120 -10.54 17.42 13.74
N ALA C 121 -9.33 16.94 14.06
CA ALA C 121 -8.74 15.78 13.35
C ALA C 121 -8.80 14.52 14.23
N SER C 122 -8.72 13.35 13.61
CA SER C 122 -8.77 12.08 14.39
C SER C 122 -7.83 11.04 13.75
N LEU C 123 -7.25 10.17 14.57
CA LEU C 123 -6.35 9.11 14.07
C LEU C 123 -7.05 7.76 14.26
N VAL C 124 -7.08 6.94 13.22
CA VAL C 124 -7.77 5.62 13.36
C VAL C 124 -6.71 4.54 13.48
N LEU C 125 -6.79 3.74 14.54
CA LEU C 125 -5.77 2.69 14.74
C LEU C 125 -6.41 1.43 15.30
N GLN C 126 -5.73 0.31 15.08
CA GLN C 126 -6.16 -1.01 15.61
C GLN C 126 -5.04 -1.48 16.55
N VAL C 127 -5.41 -1.88 17.76
CA VAL C 127 -4.40 -2.37 18.75
C VAL C 127 -4.87 -3.75 19.22
N SER C 128 -3.93 -4.69 19.39
CA SER C 128 -4.32 -6.03 19.85
C SER C 128 -3.34 -6.54 20.92
N TYR C 129 -3.73 -7.19 22.02
CA TYR C 129 -2.80 -7.79 23.01
C TYR C 129 -2.56 -9.26 22.60
N THR C 130 -1.34 -9.58 22.17
CA THR C 130 -0.95 -10.87 21.53
C THR C 130 0.44 -11.29 22.02
N GLY D 5 44.36 10.26 2.93
CA GLY D 5 44.44 10.86 1.58
C GLY D 5 43.06 11.03 0.97
N GLY D 6 42.81 10.39 -0.18
CA GLY D 6 41.52 10.47 -0.87
C GLY D 6 40.44 9.76 -0.07
N MET D 7 39.17 10.20 -0.17
CA MET D 7 38.07 9.56 0.61
C MET D 7 36.83 9.28 -0.26
N LEU D 8 36.26 8.09 -0.09
CA LEU D 8 34.93 7.77 -0.69
C LEU D 8 33.94 7.82 0.47
N ARG D 9 32.81 8.45 0.31
CA ARG D 9 31.87 8.55 1.45
C ARG D 9 30.47 8.24 0.96
N VAL D 10 29.69 7.69 1.87
CA VAL D 10 28.30 7.28 1.62
C VAL D 10 27.47 7.65 2.85
N PHE D 11 26.25 8.07 2.58
CA PHE D 11 25.25 8.32 3.64
C PHE D 11 24.04 7.49 3.25
N ILE D 12 23.86 6.36 3.91
CA ILE D 12 22.72 5.45 3.66
C ILE D 12 21.52 6.10 4.32
N LEU D 13 20.62 6.59 3.51
CA LEU D 13 19.42 7.24 4.07
C LEU D 13 18.43 6.16 4.47
N TYR D 14 17.70 5.54 3.50
CA TYR D 14 16.62 4.58 3.81
C TYR D 14 16.37 3.62 2.65
N ALA D 15 15.62 2.56 2.93
CA ALA D 15 15.16 1.57 1.93
C ALA D 15 13.63 1.43 2.03
N GLU D 16 12.98 1.14 0.90
CA GLU D 16 11.50 1.01 0.88
C GLU D 16 11.10 -0.35 0.31
N ASN D 17 9.96 -0.90 0.77
CA ASN D 17 9.43 -2.18 0.25
C ASN D 17 10.49 -3.28 0.37
N VAL D 18 11.09 -3.42 1.55
CA VAL D 18 12.11 -4.46 1.83
C VAL D 18 11.43 -5.62 2.56
N HIS D 19 11.31 -6.78 1.90
CA HIS D 19 10.60 -7.92 2.53
C HIS D 19 11.44 -9.20 2.51
N THR D 20 11.32 -9.98 3.59
CA THR D 20 11.99 -11.29 3.78
C THR D 20 11.26 -12.36 2.95
N PRO D 21 11.85 -13.57 2.76
CA PRO D 21 11.17 -14.68 2.09
C PRO D 21 10.03 -15.36 2.85
N ASP D 22 9.68 -14.89 4.07
CA ASP D 22 8.66 -15.55 4.92
C ASP D 22 7.84 -14.54 5.75
N THR D 23 7.27 -15.04 6.84
CA THR D 23 6.38 -14.28 7.77
C THR D 23 7.18 -13.28 8.60
N ASP D 24 8.47 -13.51 8.74
CA ASP D 24 9.38 -12.57 9.44
C ASP D 24 9.30 -11.16 8.82
N ILE D 25 9.18 -10.16 9.68
CA ILE D 25 9.16 -8.76 9.17
C ILE D 25 10.63 -8.33 9.11
N SER D 26 11.11 -7.91 7.94
CA SER D 26 12.52 -7.54 7.70
C SER D 26 13.18 -6.80 8.88
N ASP D 27 14.32 -7.35 9.36
CA ASP D 27 15.19 -6.73 10.40
C ASP D 27 16.38 -6.30 9.57
N ALA D 28 16.16 -5.27 8.74
CA ALA D 28 17.13 -4.94 7.69
C ALA D 28 18.32 -4.10 8.11
N TYR D 29 19.45 -4.44 7.52
CA TYR D 29 20.71 -3.66 7.56
C TYR D 29 21.27 -3.60 6.13
N CYS D 30 22.14 -2.62 5.90
CA CYS D 30 22.79 -2.37 4.58
C CYS D 30 24.31 -2.58 4.73
N SER D 31 24.86 -3.48 3.92
CA SER D 31 26.31 -3.83 3.94
C SER D 31 26.95 -3.28 2.65
N ALA D 32 27.74 -2.21 2.80
CA ALA D 32 28.38 -1.55 1.67
C ALA D 32 29.83 -1.99 1.66
N VAL D 33 30.28 -2.50 0.54
CA VAL D 33 31.69 -2.95 0.46
C VAL D 33 32.44 -2.12 -0.59
N PHE D 34 33.63 -1.64 -0.22
CA PHE D 34 34.52 -0.93 -1.18
C PHE D 34 35.95 -1.43 -0.98
N ALA D 35 36.55 -1.93 -2.05
CA ALA D 35 37.96 -2.42 -2.01
C ALA D 35 38.10 -3.51 -0.94
N GLY D 36 37.06 -4.34 -0.82
CA GLY D 36 37.04 -5.52 0.07
C GLY D 36 36.72 -5.17 1.52
N VAL D 37 36.80 -3.90 1.92
CA VAL D 37 36.50 -3.47 3.32
C VAL D 37 35.00 -3.18 3.45
N LYS D 38 34.36 -3.82 4.42
CA LYS D 38 32.89 -3.81 4.60
C LYS D 38 32.43 -2.91 5.76
N LYS D 39 31.40 -2.15 5.49
CA LYS D 39 30.75 -1.29 6.50
C LYS D 39 29.34 -1.81 6.69
N ARG D 40 28.79 -1.65 7.89
CA ARG D 40 27.42 -2.16 8.06
C ARG D 40 26.65 -1.14 8.87
N THR D 41 25.42 -0.91 8.48
CA THR D 41 24.55 0.00 9.24
C THR D 41 24.02 -0.77 10.44
N LYS D 42 23.28 -0.12 11.34
CA LYS D 42 22.62 -0.83 12.45
C LYS D 42 21.43 -1.62 11.88
N VAL D 43 21.00 -2.65 12.62
CA VAL D 43 19.82 -3.44 12.21
C VAL D 43 18.55 -2.71 12.65
N ILE D 44 17.64 -2.45 11.70
CA ILE D 44 16.33 -1.82 12.02
C ILE D 44 15.31 -2.94 12.20
N LYS D 45 14.98 -3.25 13.45
CA LYS D 45 14.06 -4.37 13.78
C LYS D 45 12.66 -4.17 13.18
N ASN D 46 12.06 -5.25 12.71
CA ASN D 46 10.66 -5.38 12.24
C ASN D 46 10.15 -4.20 11.40
N SER D 47 10.79 -3.86 10.26
CA SER D 47 10.30 -2.78 9.37
C SER D 47 10.57 -3.13 7.91
N VAL D 48 9.60 -2.91 7.03
CA VAL D 48 9.81 -3.10 5.56
C VAL D 48 10.18 -1.74 4.93
N ASN D 49 10.27 -0.68 5.73
CA ASN D 49 10.72 0.65 5.25
C ASN D 49 11.76 1.19 6.24
N PRO D 50 12.89 0.51 6.36
CA PRO D 50 13.91 0.91 7.34
C PRO D 50 14.61 2.24 6.99
N VAL D 51 14.80 3.08 7.99
CA VAL D 51 15.56 4.35 7.81
C VAL D 51 16.79 4.26 8.72
N TRP D 52 17.97 4.20 8.12
CA TRP D 52 19.25 4.11 8.86
C TRP D 52 19.86 5.49 9.09
N ASN D 53 19.88 6.36 8.07
CA ASN D 53 20.51 7.70 8.18
C ASN D 53 21.91 7.56 8.81
N GLU D 54 22.77 6.75 8.19
CA GLU D 54 24.12 6.47 8.74
C GLU D 54 25.17 6.75 7.68
N GLY D 55 26.27 7.37 8.10
CA GLY D 55 27.37 7.75 7.20
C GLY D 55 28.58 6.85 7.39
N PHE D 56 29.28 6.62 6.29
CA PHE D 56 30.48 5.77 6.23
C PHE D 56 31.50 6.47 5.35
N GLU D 57 32.76 6.12 5.53
CA GLU D 57 33.81 6.69 4.65
C GLU D 57 34.92 5.66 4.51
N TRP D 58 35.46 5.53 3.34
CA TRP D 58 36.61 4.65 3.13
C TRP D 58 37.82 5.55 2.86
N ASP D 59 38.86 5.38 3.67
CA ASP D 59 40.07 6.19 3.41
C ASP D 59 40.77 5.56 2.21
N LEU D 60 40.74 6.17 1.02
CA LEU D 60 41.54 5.68 -0.13
C LEU D 60 43.00 5.94 0.24
N LYS D 61 43.74 4.90 0.63
CA LYS D 61 45.13 5.14 1.14
C LYS D 61 46.09 5.37 -0.04
N GLY D 62 45.78 6.38 -0.84
CA GLY D 62 46.60 6.77 -2.01
C GLY D 62 46.15 6.02 -3.26
N ILE D 63 45.21 5.11 -3.09
CA ILE D 63 44.63 4.30 -4.22
C ILE D 63 43.66 5.18 -5.03
N PRO D 64 44.17 5.52 -6.24
CA PRO D 64 43.52 6.33 -7.25
C PRO D 64 42.23 5.71 -7.80
N LEU D 65 41.21 6.57 -7.64
CA LEU D 65 39.79 6.50 -8.05
C LEU D 65 39.85 5.82 -9.42
N ASP D 66 39.24 4.65 -9.58
CA ASP D 66 39.13 4.10 -10.93
C ASP D 66 37.85 4.56 -11.60
N GLN D 67 37.81 4.40 -12.91
CA GLN D 67 36.66 4.80 -13.73
C GLN D 67 35.58 3.73 -13.63
N GLY D 68 35.98 2.47 -13.47
CA GLY D 68 35.03 1.37 -13.34
C GLY D 68 34.86 0.95 -11.89
N SER D 69 35.36 1.75 -10.95
CA SER D 69 35.18 1.36 -9.53
C SER D 69 33.73 1.59 -9.14
N GLU D 70 33.17 0.66 -8.37
CA GLU D 70 31.75 0.74 -7.94
C GLU D 70 31.64 0.41 -6.45
N LEU D 71 30.50 0.77 -5.85
CA LEU D 71 30.21 0.48 -4.42
C LEU D 71 29.13 -0.60 -4.37
N HIS D 72 29.49 -1.82 -3.96
CA HIS D 72 28.52 -2.94 -3.95
C HIS D 72 27.77 -2.87 -2.63
N VAL D 73 26.51 -2.47 -2.70
CA VAL D 73 25.63 -2.39 -1.51
C VAL D 73 24.67 -3.57 -1.46
N VAL D 74 24.52 -4.15 -0.28
CA VAL D 74 23.60 -5.28 -0.07
C VAL D 74 22.71 -5.01 1.13
N VAL D 75 21.43 -5.32 0.99
CA VAL D 75 20.50 -5.16 2.13
C VAL D 75 20.17 -6.58 2.59
N LYS D 76 20.39 -6.85 3.87
CA LYS D 76 20.16 -8.19 4.42
C LYS D 76 19.19 -8.11 5.60
N ASP D 77 18.65 -9.27 5.93
CA ASP D 77 17.74 -9.42 7.08
C ASP D 77 18.51 -10.13 8.22
N HIS D 78 18.67 -9.44 9.35
CA HIS D 78 19.39 -10.01 10.50
C HIS D 78 18.61 -11.20 11.05
N GLU D 79 19.28 -12.34 11.27
CA GLU D 79 18.63 -13.55 11.83
C GLU D 79 19.33 -13.96 13.13
N THR D 80 18.59 -14.55 14.07
CA THR D 80 19.16 -14.99 15.36
C THR D 80 19.38 -16.51 15.42
N MET D 81 18.49 -17.29 14.84
CA MET D 81 18.52 -18.77 14.89
C MET D 81 19.19 -19.33 13.63
N GLY D 82 19.66 -18.46 12.74
CA GLY D 82 20.30 -18.93 11.50
C GLY D 82 21.18 -17.87 10.88
N ARG D 83 21.63 -18.09 9.65
CA ARG D 83 22.50 -17.13 8.93
C ARG D 83 21.66 -16.01 8.32
N ASN D 84 22.18 -14.78 8.31
CA ASN D 84 21.45 -13.61 7.75
C ASN D 84 20.89 -13.99 6.38
N ARG D 85 19.83 -13.30 5.94
CA ARG D 85 19.19 -13.58 4.63
C ARG D 85 19.32 -12.40 3.65
N PHE D 86 19.96 -12.66 2.50
CA PHE D 86 20.10 -11.73 1.38
C PHE D 86 18.71 -11.25 0.94
N LEU D 87 18.45 -9.96 1.02
CA LEU D 87 17.15 -9.39 0.60
C LEU D 87 17.27 -8.77 -0.81
N GLY D 88 18.37 -8.08 -1.05
CA GLY D 88 18.65 -7.45 -2.36
C GLY D 88 20.05 -6.87 -2.42
N GLU D 89 20.48 -6.52 -3.63
CA GLU D 89 21.79 -5.86 -3.82
C GLU D 89 21.68 -4.83 -4.94
N ALA D 90 22.56 -3.84 -4.90
CA ALA D 90 22.63 -2.81 -5.97
C ALA D 90 24.09 -2.37 -6.10
N LYS D 91 24.62 -2.33 -7.31
CA LYS D 91 25.99 -1.82 -7.55
C LYS D 91 25.80 -0.32 -7.83
N VAL D 92 26.62 0.51 -7.17
CA VAL D 92 26.59 2.00 -7.30
C VAL D 92 27.58 2.40 -8.41
N PRO D 93 27.11 2.58 -9.66
CA PRO D 93 27.95 2.99 -10.80
C PRO D 93 28.41 4.42 -10.48
N LEU D 94 29.63 4.49 -9.99
CA LEU D 94 30.37 5.69 -9.50
C LEU D 94 30.60 6.66 -10.65
N ARG D 95 31.02 6.14 -11.81
CA ARG D 95 31.22 6.97 -13.03
C ARG D 95 29.89 7.52 -13.56
N GLU D 96 28.79 6.85 -13.26
CA GLU D 96 27.46 7.31 -13.70
C GLU D 96 26.83 8.16 -12.60
N VAL D 97 26.86 7.70 -11.36
CA VAL D 97 26.20 8.46 -10.26
C VAL D 97 26.96 9.76 -10.02
N LEU D 98 28.28 9.66 -9.89
CA LEU D 98 29.16 10.82 -9.62
C LEU D 98 29.33 11.65 -10.90
N ALA D 99 28.21 12.04 -11.52
CA ALA D 99 28.18 12.96 -12.67
C ALA D 99 28.31 14.40 -12.14
N THR D 100 28.80 15.29 -12.99
CA THR D 100 29.02 16.71 -12.62
C THR D 100 30.36 16.85 -11.88
N PRO D 101 30.91 18.06 -11.89
CA PRO D 101 32.18 18.34 -11.24
C PRO D 101 32.17 18.30 -9.71
N SER D 102 31.00 18.12 -9.09
CA SER D 102 30.82 18.08 -7.61
C SER D 102 31.27 16.74 -7.00
N LEU D 103 31.68 15.77 -7.82
CA LEU D 103 32.08 14.41 -7.38
C LEU D 103 31.17 13.91 -6.24
N SER D 104 29.87 14.32 -6.20
CA SER D 104 28.88 13.91 -5.19
C SER D 104 27.47 13.85 -5.78
N ALA D 105 26.70 12.81 -5.44
CA ALA D 105 25.32 12.68 -5.96
C ALA D 105 24.49 11.72 -5.09
N SER D 106 23.18 11.96 -5.03
CA SER D 106 22.23 11.08 -4.31
C SER D 106 21.83 10.00 -5.31
N PHE D 107 21.77 8.75 -4.86
CA PHE D 107 21.42 7.64 -5.76
C PHE D 107 20.18 6.88 -5.26
N ASN D 108 19.23 6.63 -6.16
CA ASN D 108 18.02 5.80 -5.88
C ASN D 108 18.24 4.49 -6.62
N ALA D 109 18.60 3.47 -5.87
CA ALA D 109 19.02 2.21 -6.52
C ALA D 109 17.95 1.12 -6.39
N PRO D 110 17.61 0.49 -7.52
CA PRO D 110 16.64 -0.61 -7.51
C PRO D 110 17.40 -1.83 -6.98
N LEU D 111 16.89 -2.42 -5.89
CA LEU D 111 17.55 -3.63 -5.35
C LEU D 111 17.27 -4.79 -6.31
N LEU D 112 18.30 -5.56 -6.63
CA LEU D 112 18.19 -6.75 -7.50
C LEU D 112 18.34 -8.02 -6.64
N ASP D 113 17.80 -9.12 -7.16
CA ASP D 113 17.81 -10.46 -6.49
C ASP D 113 19.02 -11.28 -6.96
N THR D 114 19.04 -12.59 -6.71
CA THR D 114 20.19 -13.45 -7.12
C THR D 114 20.39 -13.48 -8.65
N LYS D 115 19.30 -13.35 -9.42
CA LYS D 115 19.32 -13.41 -10.90
C LYS D 115 19.31 -12.00 -11.47
N LYS D 116 19.69 -11.04 -10.64
CA LYS D 116 19.73 -9.60 -10.96
C LYS D 116 18.42 -9.07 -11.55
N GLN D 117 17.28 -9.57 -11.06
CA GLN D 117 15.94 -9.09 -11.43
C GLN D 117 15.50 -8.16 -10.29
N PRO D 118 14.85 -7.00 -10.53
CA PRO D 118 14.46 -6.10 -9.45
C PRO D 118 13.49 -6.82 -8.48
N THR D 119 13.68 -6.59 -7.19
CA THR D 119 12.87 -7.21 -6.10
C THR D 119 11.68 -6.31 -5.79
N GLY D 120 11.68 -5.09 -6.31
CA GLY D 120 10.63 -4.11 -6.00
C GLY D 120 11.04 -3.19 -4.86
N ALA D 121 12.05 -3.60 -4.08
CA ALA D 121 12.61 -2.76 -3.00
C ALA D 121 13.58 -1.73 -3.59
N SER D 122 13.72 -0.58 -2.96
CA SER D 122 14.65 0.48 -3.43
C SER D 122 15.51 0.99 -2.26
N LEU D 123 16.73 1.45 -2.54
CA LEU D 123 17.62 1.95 -1.46
C LEU D 123 18.07 3.37 -1.82
N VAL D 124 17.85 4.32 -0.91
CA VAL D 124 18.18 5.76 -1.15
C VAL D 124 19.47 6.13 -0.41
N LEU D 125 20.40 6.76 -1.10
CA LEU D 125 21.67 7.17 -0.46
C LEU D 125 22.34 8.34 -1.20
N GLN D 126 23.35 8.92 -0.56
CA GLN D 126 24.21 10.01 -1.07
C GLN D 126 25.65 9.48 -1.12
N VAL D 127 26.38 9.79 -2.18
CA VAL D 127 27.79 9.34 -2.34
C VAL D 127 28.67 10.56 -2.67
N SER D 128 29.93 10.49 -2.25
CA SER D 128 30.90 11.57 -2.50
C SER D 128 32.33 11.02 -2.52
N TYR D 129 33.17 11.70 -3.28
CA TYR D 129 34.62 11.43 -3.44
C TYR D 129 35.37 12.77 -3.31
N THR D 130 36.26 12.86 -2.33
CA THR D 130 37.04 14.10 -2.02
C THR D 130 38.49 13.70 -1.75
CA CA E . -13.08 -19.57 -13.53
CA CA F . -16.99 -18.38 -15.27
CA CA G . -8.33 9.61 -8.72
CA CA H . -10.04 11.58 -5.30
CA CA I . 5.52 19.94 5.68
CA CA J . 3.72 19.45 1.80
CA CA K . 11.60 -9.72 12.36
CA CA L . 15.02 -11.64 10.54
#